data_4O7W
#
_entry.id   4O7W
#
_cell.length_a   44.150
_cell.length_b   154.530
_cell.length_c   78.430
_cell.angle_alpha   90.000
_cell.angle_beta   90.000
_cell.angle_gamma   90.000
#
_symmetry.space_group_name_H-M   'C 2 2 21'
#
loop_
_entity.id
_entity.type
_entity.pdbx_description
1 polymer 'Phosphoribosylaminoimidazole-succinocarboxamide synthase'
2 non-polymer "THYMIDINE-5'-DIPHOSPHATE"
3 non-polymer "ADENOSINE-5'-TRIPHOSPHATE"
4 non-polymer 'PHOSPHATE ION'
5 non-polymer 'ACETATE ION'
6 water water
#
_entity_poly.entity_id   1
_entity_poly.type   'polypeptide(L)'
_entity_poly.pdbx_seq_one_letter_code
;MVKLMEVYEGKAKKMIPIDDDKLIMEFKDDATAFDGTKKARFKGKGWLNAQLSVIFFKLLEEHGIKTHFIGVAGGNRLIV
EKLDMYPLEVVVRNVVAGSLKKRLPLPEGYELPEPIVELYYKNDELHDPMINYYHAKVLGISLDEIKKIEEIALKVNEIL
KDYLAKKGIILVDFKLEFGKDKNGDIVLADEISPDTCRFWDAKTKRSLDKDVFRFDKGDLIEAYKEIYERITGEKPEF
;
_entity_poly.pdbx_strand_id   A
#
loop_
_chem_comp.id
_chem_comp.type
_chem_comp.name
_chem_comp.formula
ACT non-polymer 'ACETATE ION' 'C2 H3 O2 -1'
ATP non-polymer ADENOSINE-5'-TRIPHOSPHATE 'C10 H16 N5 O13 P3'
PO4 non-polymer 'PHOSPHATE ION' 'O4 P -3'
TYD non-polymer THYMIDINE-5'-DIPHOSPHATE 'C10 H16 N2 O11 P2'
#
# COMPACT_ATOMS: atom_id res chain seq x y z
N VAL A 7 -19.35 11.13 1.23
CA VAL A 7 -18.25 11.08 2.24
C VAL A 7 -18.20 9.70 2.90
N TYR A 8 -17.03 9.07 2.86
CA TYR A 8 -16.81 7.82 3.57
C TYR A 8 -15.56 7.91 4.45
N GLU A 9 -15.77 7.83 5.77
CA GLU A 9 -14.67 7.87 6.73
C GLU A 9 -14.20 6.45 7.10
N GLY A 10 -13.03 6.06 6.58
CA GLY A 10 -12.43 4.77 6.90
C GLY A 10 -11.49 4.79 8.10
N LYS A 11 -10.77 3.69 8.31
CA LYS A 11 -9.85 3.54 9.47
C LYS A 11 -8.63 4.49 9.44
N ALA A 12 -8.12 4.78 8.24
CA ALA A 12 -6.94 5.66 8.11
C ALA A 12 -7.13 6.81 7.10
N LYS A 13 -8.20 6.76 6.31
CA LYS A 13 -8.42 7.75 5.25
C LYS A 13 -9.90 8.09 5.09
N LYS A 14 -10.17 9.32 4.61
CA LYS A 14 -11.52 9.76 4.23
C LYS A 14 -11.66 9.89 2.71
N MET A 15 -12.79 9.44 2.16
CA MET A 15 -13.03 9.51 0.72
C MET A 15 -14.21 10.43 0.40
N ILE A 16 -13.91 11.61 -0.16
CA ILE A 16 -14.95 12.62 -0.42
C ILE A 16 -15.20 12.79 -1.91
N PRO A 17 -16.41 12.45 -2.39
CA PRO A 17 -16.80 12.67 -3.80
C PRO A 17 -16.67 14.13 -4.25
N ILE A 18 -16.29 14.33 -5.51
CA ILE A 18 -16.19 15.66 -6.09
C ILE A 18 -17.28 15.86 -7.13
N ASP A 19 -17.19 15.12 -8.23
CA ASP A 19 -18.22 15.11 -9.26
C ASP A 19 -18.67 13.65 -9.44
N ASP A 20 -18.50 13.12 -10.65
CA ASP A 20 -18.79 11.70 -10.91
C ASP A 20 -17.51 10.92 -11.23
N ASP A 21 -16.44 11.67 -11.50
CA ASP A 21 -15.23 11.10 -12.03
C ASP A 21 -14.13 11.04 -10.99
N LYS A 22 -14.25 11.83 -9.94
CA LYS A 22 -13.15 11.95 -8.99
C LYS A 22 -13.53 12.05 -7.53
N LEU A 23 -12.60 11.62 -6.69
CA LEU A 23 -12.83 11.79 -5.27
CA LEU A 23 -12.76 11.60 -5.24
C LEU A 23 -11.59 12.32 -4.58
N ILE A 24 -11.79 12.75 -3.34
CA ILE A 24 -10.73 13.27 -2.51
C ILE A 24 -10.30 12.14 -1.58
N MET A 25 -9.03 11.81 -1.59
CA MET A 25 -8.49 10.85 -0.62
C MET A 25 -7.75 11.63 0.44
N GLU A 26 -8.32 11.65 1.64
CA GLU A 26 -7.72 12.36 2.77
C GLU A 26 -7.10 11.37 3.75
N PHE A 27 -5.82 11.54 4.04
CA PHE A 27 -5.11 10.67 4.96
C PHE A 27 -5.23 11.21 6.37
N LYS A 28 -5.64 10.36 7.30
CA LYS A 28 -5.81 10.78 8.69
C LYS A 28 -4.59 10.41 9.54
N ASP A 29 -4.57 10.91 10.77
CA ASP A 29 -3.47 10.64 11.68
C ASP A 29 -3.64 9.34 12.43
N ASP A 30 -4.81 8.72 12.29
CA ASP A 30 -5.14 7.46 12.97
C ASP A 30 -4.37 6.24 12.43
N ALA A 31 -3.99 5.37 13.36
CA ALA A 31 -3.38 4.08 13.01
C ALA A 31 -4.12 2.98 13.75
N THR A 32 -4.31 1.86 13.08
CA THR A 32 -4.96 0.70 13.67
C THR A 32 -4.21 -0.57 13.27
N ALA A 33 -4.33 -1.60 14.08
CA ALA A 33 -3.68 -2.88 13.80
C ALA A 33 -4.40 -3.97 14.54
N PHE A 34 -4.09 -5.21 14.17
CA PHE A 34 -4.69 -6.42 14.75
C PHE A 34 -6.21 -6.42 14.68
N ASP A 35 -6.73 -6.35 13.46
CA ASP A 35 -8.17 -6.22 13.22
C ASP A 35 -8.75 -5.03 13.98
N GLY A 36 -7.99 -3.93 13.99
CA GLY A 36 -8.41 -2.69 14.65
C GLY A 36 -8.49 -2.75 16.17
N THR A 37 -7.98 -3.82 16.79
CA THR A 37 -7.98 -3.92 18.25
C THR A 37 -6.91 -3.07 18.94
N LYS A 38 -5.92 -2.61 18.16
CA LYS A 38 -4.92 -1.65 18.62
C LYS A 38 -5.11 -0.33 17.87
N LYS A 39 -5.32 0.76 18.60
CA LYS A 39 -5.52 2.08 18.00
C LYS A 39 -4.64 3.14 18.65
N ALA A 40 -4.19 4.09 17.85
CA ALA A 40 -3.44 5.26 18.32
C ALA A 40 -3.47 6.34 17.25
N ARG A 41 -3.06 7.54 17.61
CA ARG A 41 -3.01 8.66 16.69
C ARG A 41 -1.61 9.23 16.67
N PHE A 42 -1.10 9.52 15.48
CA PHE A 42 0.23 10.09 15.36
C PHE A 42 0.18 11.39 14.57
N LYS A 43 0.37 12.50 15.27
CA LYS A 43 0.33 13.82 14.66
C LYS A 43 1.30 13.85 13.49
N GLY A 44 0.80 14.20 12.32
CA GLY A 44 1.62 14.24 11.11
C GLY A 44 1.69 12.96 10.29
N LYS A 45 1.14 11.85 10.79
CA LYS A 45 1.17 10.58 10.01
C LYS A 45 0.42 10.65 8.68
N GLY A 46 -0.75 11.30 8.69
CA GLY A 46 -1.55 11.54 7.50
C GLY A 46 -0.79 12.27 6.42
N TRP A 47 -0.13 13.37 6.80
CA TRP A 47 0.70 14.17 5.91
C TRP A 47 1.82 13.39 5.28
N LEU A 48 2.54 12.63 6.09
CA LEU A 48 3.62 11.76 5.62
C LEU A 48 3.12 10.73 4.61
N ASN A 49 2.07 10.00 4.98
CA ASN A 49 1.50 8.96 4.11
C ASN A 49 0.94 9.51 2.79
N ALA A 50 0.34 10.70 2.85
CA ALA A 50 -0.11 11.41 1.65
C ALA A 50 1.06 11.74 0.72
N GLN A 51 2.08 12.39 1.29
CA GLN A 51 3.24 12.82 0.50
C GLN A 51 3.91 11.64 -0.16
N LEU A 52 4.10 10.58 0.61
CA LEU A 52 4.79 9.39 0.13
C LEU A 52 4.00 8.64 -0.96
N SER A 53 2.68 8.59 -0.80
CA SER A 53 1.80 8.04 -1.83
C SER A 53 1.98 8.78 -3.14
N VAL A 54 1.95 10.11 -3.07
CA VAL A 54 2.15 10.97 -4.25
C VAL A 54 3.46 10.64 -4.95
N ILE A 55 4.54 10.59 -4.18
CA ILE A 55 5.85 10.26 -4.71
C ILE A 55 5.86 8.87 -5.37
N PHE A 56 5.27 7.88 -4.70
CA PHE A 56 5.22 6.54 -5.28
C PHE A 56 4.35 6.50 -6.54
N PHE A 57 3.18 7.12 -6.49
CA PHE A 57 2.29 7.13 -7.66
C PHE A 57 2.92 7.82 -8.88
N LYS A 58 3.66 8.91 -8.64
CA LYS A 58 4.35 9.61 -9.71
C LYS A 58 5.47 8.78 -10.33
N LEU A 59 6.28 8.14 -9.49
CA LEU A 59 7.31 7.22 -9.97
C LEU A 59 6.73 6.11 -10.84
N LEU A 60 5.67 5.47 -10.33
CA LEU A 60 5.00 4.37 -11.03
C LEU A 60 4.39 4.82 -12.35
N GLU A 61 3.79 6.01 -12.34
CA GLU A 61 3.24 6.61 -13.58
C GLU A 61 4.31 6.83 -14.64
N GLU A 62 5.48 7.35 -14.23
CA GLU A 62 6.63 7.54 -15.13
C GLU A 62 7.03 6.22 -15.74
N HIS A 63 6.78 5.13 -15.02
CA HIS A 63 7.16 3.80 -15.48
C HIS A 63 6.05 3.11 -16.20
N GLY A 64 4.98 3.84 -16.49
CA GLY A 64 3.88 3.32 -17.29
C GLY A 64 2.86 2.49 -16.54
N ILE A 65 2.78 2.68 -15.20
CA ILE A 65 1.74 2.07 -14.38
C ILE A 65 0.52 2.99 -14.30
N LYS A 66 -0.63 2.51 -14.72
CA LYS A 66 -1.87 3.29 -14.63
C LYS A 66 -2.36 3.35 -13.19
N THR A 67 -2.42 4.53 -12.59
CA THR A 67 -2.84 4.69 -11.21
C THR A 67 -4.01 5.66 -11.13
N HIS A 68 -4.68 5.70 -9.98
CA HIS A 68 -5.79 6.62 -9.81
C HIS A 68 -5.36 8.03 -9.49
N PHE A 69 -4.06 8.26 -9.31
CA PHE A 69 -3.58 9.60 -8.92
C PHE A 69 -3.91 10.67 -9.96
N ILE A 70 -4.64 11.70 -9.57
CA ILE A 70 -4.87 12.88 -10.44
C ILE A 70 -4.08 14.09 -9.97
N GLY A 71 -4.25 14.49 -8.70
CA GLY A 71 -3.47 15.59 -8.15
C GLY A 71 -3.53 15.70 -6.63
N VAL A 72 -2.99 16.81 -6.13
CA VAL A 72 -3.00 17.09 -4.68
C VAL A 72 -4.00 18.18 -4.34
N ALA A 73 -4.61 18.09 -3.17
CA ALA A 73 -5.59 19.10 -2.75
C ALA A 73 -5.19 19.75 -1.43
N GLY A 74 -3.89 20.01 -1.29
CA GLY A 74 -3.32 20.72 -0.15
C GLY A 74 -3.24 19.93 1.15
N GLY A 75 -2.05 19.38 1.43
CA GLY A 75 -1.77 18.78 2.73
C GLY A 75 -1.86 17.28 2.80
N ASN A 76 -2.99 16.79 3.33
CA ASN A 76 -3.24 15.37 3.50
CA ASN A 76 -3.21 15.36 3.47
C ASN A 76 -4.23 14.80 2.48
N ARG A 77 -4.58 15.61 1.48
CA ARG A 77 -5.63 15.28 0.52
C ARG A 77 -5.09 15.11 -0.88
N LEU A 78 -5.38 13.95 -1.48
CA LEU A 78 -5.07 13.71 -2.89
C LEU A 78 -6.36 13.73 -3.69
N ILE A 79 -6.27 14.17 -4.95
CA ILE A 79 -7.36 14.02 -5.89
C ILE A 79 -7.10 12.76 -6.68
N VAL A 80 -8.07 11.86 -6.67
CA VAL A 80 -7.93 10.58 -7.35
C VAL A 80 -9.15 10.25 -8.20
N GLU A 81 -8.93 9.38 -9.16
CA GLU A 81 -9.95 8.91 -10.07
C GLU A 81 -10.83 7.90 -9.35
N LYS A 82 -12.14 8.11 -9.43
CA LYS A 82 -13.10 7.15 -8.88
C LYS A 82 -13.08 5.88 -9.73
N LEU A 83 -13.05 4.73 -9.06
CA LEU A 83 -13.00 3.45 -9.75
C LEU A 83 -14.02 2.48 -9.17
N ASP A 84 -14.41 1.50 -9.98
CA ASP A 84 -15.12 0.34 -9.51
CA ASP A 84 -15.11 0.32 -9.52
C ASP A 84 -14.06 -0.59 -8.88
N MET A 85 -14.00 -0.60 -7.56
CA MET A 85 -12.94 -1.31 -6.83
C MET A 85 -13.11 -2.82 -6.86
N TYR A 86 -12.01 -3.53 -7.06
CA TYR A 86 -12.00 -4.99 -6.81
C TYR A 86 -11.95 -5.20 -5.31
N PRO A 87 -12.67 -6.21 -4.81
CA PRO A 87 -12.64 -6.45 -3.35
C PRO A 87 -11.41 -7.28 -2.93
N LEU A 88 -10.22 -6.76 -3.23
CA LEU A 88 -8.97 -7.48 -3.00
C LEU A 88 -7.95 -6.61 -2.32
N GLU A 89 -7.10 -7.27 -1.54
CA GLU A 89 -5.83 -6.70 -1.13
C GLU A 89 -4.78 -7.62 -1.73
N VAL A 90 -3.91 -7.05 -2.56
CA VAL A 90 -2.93 -7.80 -3.34
C VAL A 90 -1.56 -7.61 -2.71
N VAL A 91 -1.04 -8.68 -2.10
CA VAL A 91 0.19 -8.59 -1.34
C VAL A 91 1.37 -9.19 -2.13
N VAL A 92 2.44 -8.42 -2.27
CA VAL A 92 3.68 -8.89 -2.90
C VAL A 92 4.76 -8.97 -1.82
N ARG A 93 5.52 -10.07 -1.80
CA ARG A 93 6.48 -10.32 -0.73
C ARG A 93 7.86 -10.73 -1.32
N ASN A 94 8.91 -10.02 -0.91
CA ASN A 94 10.30 -10.31 -1.33
C ASN A 94 11.10 -10.99 -0.22
N VAL A 95 10.77 -10.62 1.02
CA VAL A 95 11.46 -11.11 2.20
C VAL A 95 10.39 -11.58 3.19
N VAL A 96 10.65 -12.71 3.85
CA VAL A 96 9.73 -13.31 4.84
C VAL A 96 9.56 -12.40 6.05
N ALA A 97 8.29 -12.06 6.32
CA ALA A 97 7.90 -11.24 7.47
C ALA A 97 6.40 -11.40 7.67
N GLY A 98 5.91 -10.90 8.80
CA GLY A 98 4.48 -10.90 9.11
C GLY A 98 3.84 -12.27 9.00
N SER A 99 2.68 -12.30 8.35
CA SER A 99 1.85 -13.51 8.28
C SER A 99 2.47 -14.65 7.47
N LEU A 100 3.40 -14.33 6.56
CA LEU A 100 4.08 -15.38 5.79
C LEU A 100 4.79 -16.43 6.68
N LYS A 101 5.19 -16.00 7.87
CA LYS A 101 5.84 -16.89 8.83
C LYS A 101 4.91 -17.98 9.33
N LYS A 102 3.60 -17.74 9.26
CA LYS A 102 2.60 -18.75 9.64
C LYS A 102 2.21 -19.66 8.47
N ARG A 103 2.72 -19.36 7.28
CA ARG A 103 2.30 -20.10 6.12
C ARG A 103 3.44 -20.92 5.56
N LEU A 104 4.67 -20.44 5.75
CA LEU A 104 5.90 -21.13 5.36
C LEU A 104 6.88 -21.17 6.53
N PRO A 105 7.53 -22.32 6.76
CA PRO A 105 8.37 -22.49 7.94
C PRO A 105 9.73 -21.86 7.68
N LEU A 106 9.71 -20.55 7.45
CA LEU A 106 10.92 -19.83 7.09
C LEU A 106 11.07 -18.69 8.05
N PRO A 107 12.33 -18.31 8.37
CA PRO A 107 12.45 -17.27 9.39
C PRO A 107 12.27 -15.86 8.83
N GLU A 108 11.87 -14.96 9.70
CA GLU A 108 11.89 -13.53 9.47
C GLU A 108 13.22 -13.14 8.81
N GLY A 109 13.15 -12.43 7.69
CA GLY A 109 14.36 -11.97 7.03
C GLY A 109 14.84 -12.90 5.94
N TYR A 110 14.26 -14.10 5.86
CA TYR A 110 14.58 -15.02 4.77
C TYR A 110 14.28 -14.38 3.42
N GLU A 111 15.28 -14.41 2.55
CA GLU A 111 15.16 -13.85 1.23
C GLU A 111 14.51 -14.86 0.28
N LEU A 112 13.34 -14.53 -0.26
CA LEU A 112 12.63 -15.46 -1.13
C LEU A 112 13.32 -15.61 -2.49
N PRO A 113 13.31 -16.83 -3.08
CA PRO A 113 13.98 -17.05 -4.37
C PRO A 113 13.32 -16.27 -5.50
N GLU A 114 12.03 -15.96 -5.35
CA GLU A 114 11.32 -15.06 -6.23
C GLU A 114 10.11 -14.48 -5.47
N PRO A 115 9.54 -13.38 -5.97
CA PRO A 115 8.46 -12.75 -5.21
C PRO A 115 7.22 -13.64 -5.06
N ILE A 116 6.52 -13.48 -3.92
CA ILE A 116 5.24 -14.15 -3.70
C ILE A 116 4.11 -13.14 -3.85
N VAL A 117 3.05 -13.52 -4.55
CA VAL A 117 1.85 -12.68 -4.61
C VAL A 117 0.74 -13.43 -3.89
N GLU A 118 0.06 -12.74 -2.99
CA GLU A 118 -1.06 -13.31 -2.25
C GLU A 118 -2.28 -12.42 -2.46
N LEU A 119 -3.42 -13.06 -2.65
CA LEU A 119 -4.69 -12.35 -2.79
C LEU A 119 -5.50 -12.54 -1.52
N TYR A 120 -5.98 -11.43 -0.96
CA TYR A 120 -6.83 -11.45 0.23
C TYR A 120 -8.17 -10.84 -0.14
N TYR A 121 -9.24 -11.54 0.20
CA TYR A 121 -10.57 -11.06 -0.06
C TYR A 121 -10.96 -10.00 1.00
N LYS A 122 -11.28 -8.79 0.55
CA LYS A 122 -11.70 -7.71 1.46
C LYS A 122 -13.10 -7.94 1.96
N ASN A 123 -13.19 -8.44 3.18
CA ASN A 123 -14.47 -8.76 3.79
C ASN A 123 -14.28 -8.79 5.30
N ASP A 124 -14.84 -7.79 5.99
CA ASP A 124 -14.66 -7.64 7.44
C ASP A 124 -15.28 -8.78 8.22
N GLU A 125 -16.47 -9.22 7.81
CA GLU A 125 -17.14 -10.34 8.48
C GLU A 125 -16.31 -11.63 8.45
N LEU A 126 -15.50 -11.81 7.41
CA LEU A 126 -14.64 -13.00 7.31
C LEU A 126 -13.19 -12.69 7.69
N HIS A 127 -12.93 -11.45 8.08
CA HIS A 127 -11.59 -10.95 8.44
C HIS A 127 -10.58 -11.12 7.34
N ASP A 128 -10.94 -10.72 6.12
CA ASP A 128 -10.01 -10.69 4.99
C ASP A 128 -9.19 -11.99 4.75
N PRO A 129 -9.88 -13.11 4.48
CA PRO A 129 -9.17 -14.39 4.28
C PRO A 129 -8.35 -14.37 2.99
N MET A 130 -7.25 -15.13 2.97
CA MET A 130 -6.55 -15.34 1.72
C MET A 130 -7.44 -16.14 0.74
N ILE A 131 -7.35 -15.81 -0.54
CA ILE A 131 -8.06 -16.57 -1.55
C ILE A 131 -7.12 -16.96 -2.68
N ASN A 132 -7.58 -17.87 -3.52
CA ASN A 132 -6.88 -18.18 -4.76
C ASN A 132 -7.70 -17.71 -6.00
N TYR A 133 -7.19 -18.00 -7.19
CA TYR A 133 -7.86 -17.66 -8.47
C TYR A 133 -9.28 -18.22 -8.60
N TYR A 134 -9.49 -19.41 -8.04
CA TYR A 134 -10.85 -20.03 -8.13
C TYR A 134 -11.86 -19.28 -7.28
N HIS A 135 -11.47 -18.90 -6.06
CA HIS A 135 -12.36 -18.12 -5.20
C HIS A 135 -12.67 -16.81 -5.88
N ALA A 136 -11.65 -16.17 -6.44
CA ALA A 136 -11.82 -14.89 -7.16
C ALA A 136 -12.88 -14.98 -8.29
N LYS A 137 -12.84 -16.06 -9.04
CA LYS A 137 -13.79 -16.30 -10.12
C LYS A 137 -15.23 -16.35 -9.58
N VAL A 138 -15.43 -17.07 -8.48
CA VAL A 138 -16.76 -17.16 -7.84
C VAL A 138 -17.19 -15.76 -7.38
N LEU A 139 -16.22 -14.93 -7.00
CA LEU A 139 -16.49 -13.55 -6.63
C LEU A 139 -16.70 -12.65 -7.84
N GLY A 140 -16.61 -13.20 -9.05
CA GLY A 140 -16.84 -12.43 -10.30
C GLY A 140 -15.62 -11.80 -10.92
N ILE A 141 -14.43 -12.26 -10.51
CA ILE A 141 -13.16 -11.76 -11.04
C ILE A 141 -12.56 -12.86 -11.94
N SER A 142 -12.49 -12.58 -13.24
CA SER A 142 -12.07 -13.56 -14.24
C SER A 142 -10.60 -13.83 -14.08
N LEU A 143 -10.16 -14.96 -14.63
CA LEU A 143 -8.76 -15.35 -14.61
C LEU A 143 -7.88 -14.30 -15.31
N ASP A 144 -8.36 -13.83 -16.46
CA ASP A 144 -7.72 -12.76 -17.24
CA ASP A 144 -7.64 -12.80 -17.20
C ASP A 144 -7.45 -11.53 -16.37
N GLU A 145 -8.49 -11.12 -15.62
CA GLU A 145 -8.36 -9.99 -14.70
C GLU A 145 -7.32 -10.23 -13.60
N ILE A 146 -7.39 -11.41 -12.96
CA ILE A 146 -6.44 -11.78 -11.90
C ILE A 146 -5.01 -11.74 -12.41
N LYS A 147 -4.78 -12.33 -13.57
CA LYS A 147 -3.48 -12.33 -14.24
C LYS A 147 -2.92 -10.93 -14.55
N LYS A 148 -3.75 -10.03 -15.08
CA LYS A 148 -3.35 -8.62 -15.29
C LYS A 148 -3.02 -7.95 -13.95
N ILE A 149 -3.87 -8.15 -12.94
CA ILE A 149 -3.63 -7.62 -11.61
C ILE A 149 -2.25 -8.07 -11.05
N GLU A 150 -1.96 -9.37 -11.12
CA GLU A 150 -0.68 -9.89 -10.62
C GLU A 150 0.52 -9.38 -11.43
N GLU A 151 0.35 -9.35 -12.75
CA GLU A 151 1.35 -8.76 -13.66
C GLU A 151 1.69 -7.33 -13.26
N ILE A 152 0.68 -6.50 -13.01
CA ILE A 152 0.93 -5.13 -12.55
C ILE A 152 1.63 -5.10 -11.16
N ALA A 153 1.11 -5.88 -10.20
CA ALA A 153 1.70 -5.91 -8.86
C ALA A 153 3.19 -6.26 -8.91
N LEU A 154 3.54 -7.25 -9.73
CA LEU A 154 4.93 -7.69 -9.88
C LEU A 154 5.81 -6.63 -10.57
N LYS A 155 5.22 -5.90 -11.52
CA LYS A 155 5.94 -4.76 -12.14
C LYS A 155 6.14 -3.63 -11.12
N VAL A 156 5.09 -3.32 -10.36
CA VAL A 156 5.19 -2.33 -9.27
C VAL A 156 6.30 -2.71 -8.30
N ASN A 157 6.31 -3.98 -7.89
CA ASN A 157 7.37 -4.52 -7.02
C ASN A 157 8.77 -4.19 -7.54
N GLU A 158 9.04 -4.52 -8.80
CA GLU A 158 10.37 -4.32 -9.41
C GLU A 158 10.78 -2.87 -9.32
N ILE A 159 9.89 -1.99 -9.77
CA ILE A 159 10.12 -0.55 -9.75
C ILE A 159 10.39 0.00 -8.34
N LEU A 160 9.50 -0.26 -7.39
CA LEU A 160 9.68 0.20 -6.00
C LEU A 160 10.92 -0.41 -5.33
N LYS A 161 11.10 -1.72 -5.45
CA LYS A 161 12.29 -2.43 -4.96
C LYS A 161 13.61 -1.77 -5.44
N ASP A 162 13.73 -1.58 -6.76
CA ASP A 162 14.94 -0.98 -7.38
C ASP A 162 15.17 0.45 -6.92
N TYR A 163 14.13 1.26 -7.00
CA TYR A 163 14.16 2.64 -6.57
C TYR A 163 14.54 2.75 -5.09
N LEU A 164 13.97 1.89 -4.24
CA LEU A 164 14.23 1.97 -2.82
C LEU A 164 15.61 1.45 -2.44
N ALA A 165 16.07 0.38 -3.11
CA ALA A 165 17.41 -0.17 -2.87
C ALA A 165 18.51 0.85 -3.16
N LYS A 166 18.32 1.67 -4.18
CA LYS A 166 19.26 2.75 -4.49
C LYS A 166 19.25 3.81 -3.39
N LYS A 167 18.32 3.69 -2.45
CA LYS A 167 18.25 4.61 -1.31
C LYS A 167 18.52 3.93 0.02
N GLY A 168 19.05 2.70 -0.04
CA GLY A 168 19.40 1.96 1.18
C GLY A 168 18.19 1.40 1.91
N ILE A 169 17.10 1.17 1.17
CA ILE A 169 15.87 0.62 1.77
C ILE A 169 15.48 -0.68 1.10
N ILE A 170 15.24 -1.70 1.92
CA ILE A 170 14.75 -2.99 1.46
C ILE A 170 13.23 -2.99 1.50
N LEU A 171 12.63 -3.24 0.35
CA LEU A 171 11.19 -3.42 0.27
C LEU A 171 10.89 -4.87 0.61
N VAL A 172 10.43 -5.10 1.83
CA VAL A 172 10.22 -6.44 2.35
C VAL A 172 8.94 -7.06 1.75
N ASP A 173 7.84 -6.32 1.83
CA ASP A 173 6.55 -6.71 1.24
C ASP A 173 5.68 -5.47 1.22
N PHE A 174 4.49 -5.58 0.61
CA PHE A 174 3.56 -4.46 0.53
C PHE A 174 2.22 -4.91 0.00
N LYS A 175 1.21 -4.06 0.17
CA LYS A 175 -0.14 -4.37 -0.25
C LYS A 175 -0.64 -3.30 -1.24
N LEU A 176 -1.25 -3.76 -2.33
CA LEU A 176 -1.92 -2.88 -3.28
C LEU A 176 -3.41 -3.19 -3.37
N GLU A 177 -4.14 -2.22 -3.92
CA GLU A 177 -5.54 -2.35 -4.27
C GLU A 177 -5.76 -1.78 -5.67
N PHE A 178 -6.79 -2.28 -6.34
CA PHE A 178 -7.03 -2.01 -7.73
C PHE A 178 -8.52 -1.82 -7.95
N GLY A 179 -8.86 -1.06 -8.98
CA GLY A 179 -10.23 -0.95 -9.47
C GLY A 179 -10.25 -0.82 -10.99
N LYS A 180 -11.45 -0.83 -11.55
CA LYS A 180 -11.66 -0.67 -12.98
C LYS A 180 -12.13 0.74 -13.31
N ASP A 181 -11.57 1.33 -14.36
CA ASP A 181 -12.03 2.64 -14.83
C ASP A 181 -13.13 2.44 -15.87
N LYS A 182 -13.70 3.53 -16.38
CA LYS A 182 -14.84 3.44 -17.32
C LYS A 182 -14.49 2.73 -18.64
N ASN A 183 -13.21 2.70 -19.00
CA ASN A 183 -12.72 1.94 -20.15
C ASN A 183 -12.49 0.46 -19.87
N GLY A 184 -12.73 0.06 -18.61
CA GLY A 184 -12.54 -1.32 -18.19
C GLY A 184 -11.09 -1.69 -17.99
N ASP A 185 -10.22 -0.67 -17.94
CA ASP A 185 -8.80 -0.86 -17.63
C ASP A 185 -8.59 -1.05 -16.14
N ILE A 186 -7.56 -1.83 -15.81
CA ILE A 186 -7.19 -2.08 -14.42
C ILE A 186 -6.23 -1.01 -13.89
N VAL A 187 -6.67 -0.30 -12.86
CA VAL A 187 -6.01 0.91 -12.39
C VAL A 187 -5.61 0.74 -10.90
N LEU A 188 -4.36 1.08 -10.60
CA LEU A 188 -3.83 0.95 -9.25
C LEU A 188 -4.42 2.04 -8.37
N ALA A 189 -4.85 1.66 -7.17
CA ALA A 189 -5.68 2.54 -6.36
C ALA A 189 -5.18 2.67 -4.91
N ASP A 190 -6.08 3.04 -4.00
CA ASP A 190 -5.75 3.23 -2.59
C ASP A 190 -4.45 4.04 -2.33
N GLU A 191 -3.56 3.52 -1.48
CA GLU A 191 -2.37 4.26 -1.06
C GLU A 191 -1.12 3.41 -1.20
N ILE A 192 0.04 4.07 -1.15
CA ILE A 192 1.32 3.39 -1.01
C ILE A 192 2.14 4.18 0.01
N SER A 193 2.26 3.64 1.21
CA SER A 193 2.87 4.35 2.30
C SER A 193 3.56 3.37 3.26
N PRO A 194 4.24 3.91 4.30
CA PRO A 194 4.79 3.04 5.35
C PRO A 194 3.71 2.29 6.15
N ASP A 195 2.44 2.69 5.99
CA ASP A 195 1.30 1.91 6.52
C ASP A 195 1.06 0.61 5.74
N THR A 196 1.34 0.64 4.44
CA THR A 196 0.94 -0.46 3.56
C THR A 196 2.13 -1.24 2.97
N CYS A 197 3.33 -0.94 3.45
CA CYS A 197 4.57 -1.59 3.00
C CYS A 197 5.47 -1.92 4.19
N ARG A 198 6.33 -2.92 4.03
CA ARG A 198 7.47 -3.09 4.94
C ARG A 198 8.74 -2.55 4.29
N PHE A 199 9.35 -1.59 5.00
CA PHE A 199 10.60 -0.97 4.61
C PHE A 199 11.63 -1.24 5.70
N TRP A 200 12.72 -1.93 5.35
CA TRP A 200 13.85 -2.12 6.27
C TRP A 200 15.08 -1.37 5.82
N ASP A 201 15.77 -0.75 6.76
CA ASP A 201 17.08 -0.18 6.44
C ASP A 201 18.02 -1.28 5.96
N ALA A 202 18.69 -1.07 4.82
CA ALA A 202 19.57 -2.08 4.23
C ALA A 202 20.72 -2.50 5.15
N LYS A 203 21.32 -1.53 5.83
CA LYS A 203 22.46 -1.82 6.72
C LYS A 203 22.05 -2.50 8.02
N THR A 204 21.09 -1.93 8.75
CA THR A 204 20.72 -2.43 10.07
C THR A 204 19.57 -3.42 10.06
N LYS A 205 18.81 -3.42 8.97
CA LYS A 205 17.61 -4.27 8.83
C LYS A 205 16.44 -3.92 9.76
N ARG A 206 16.44 -2.70 10.31
CA ARG A 206 15.35 -2.31 11.19
C ARG A 206 14.16 -1.72 10.41
N SER A 207 12.99 -1.83 11.01
CA SER A 207 11.72 -1.45 10.39
C SER A 207 11.56 0.07 10.36
N LEU A 208 11.24 0.60 9.19
CA LEU A 208 10.86 2.00 9.03
C LEU A 208 9.43 2.06 8.44
N ASP A 209 8.48 1.47 9.18
CA ASP A 209 7.13 1.26 8.68
C ASP A 209 6.18 1.04 9.87
N LYS A 210 4.94 0.67 9.55
CA LYS A 210 3.90 0.41 10.56
C LYS A 210 4.23 -0.67 11.60
N ASP A 211 5.23 -1.52 11.32
CA ASP A 211 5.67 -2.57 12.26
C ASP A 211 6.18 -1.93 13.58
N VAL A 212 6.74 -0.73 13.49
CA VAL A 212 7.13 0.06 14.66
C VAL A 212 5.93 0.25 15.61
N PHE A 213 4.76 0.59 15.07
CA PHE A 213 3.53 0.68 15.86
C PHE A 213 2.95 -0.69 16.22
N ARG A 214 2.94 -1.63 15.26
CA ARG A 214 2.39 -2.97 15.53
C ARG A 214 3.09 -3.66 16.71
N PHE A 215 4.41 -3.58 16.75
CA PHE A 215 5.21 -4.31 17.74
C PHE A 215 6.01 -3.42 18.70
N ASP A 216 5.63 -2.15 18.81
CA ASP A 216 6.24 -1.19 19.74
C ASP A 216 7.76 -1.19 19.64
N LYS A 217 8.28 -0.82 18.48
CA LYS A 217 9.70 -0.88 18.21
C LYS A 217 10.40 0.46 18.32
N GLY A 218 9.66 1.46 18.81
CA GLY A 218 10.16 2.81 18.87
C GLY A 218 9.13 3.82 18.40
N ASP A 219 9.62 4.87 17.75
CA ASP A 219 8.79 6.02 17.42
C ASP A 219 8.33 5.98 15.96
N LEU A 220 7.03 5.78 15.77
CA LEU A 220 6.45 5.67 14.44
C LEU A 220 6.77 6.89 13.58
N ILE A 221 6.46 8.08 14.11
CA ILE A 221 6.66 9.32 13.39
C ILE A 221 8.13 9.45 13.00
N GLU A 222 9.04 9.21 13.94
CA GLU A 222 10.48 9.22 13.63
C GLU A 222 10.83 8.29 12.48
N ALA A 223 10.29 7.07 12.52
CA ALA A 223 10.55 6.08 11.49
C ALA A 223 10.00 6.55 10.14
N TYR A 224 8.79 7.10 10.15
CA TYR A 224 8.14 7.58 8.92
C TYR A 224 8.85 8.80 8.36
N LYS A 225 9.31 9.68 9.25
CA LYS A 225 10.12 10.84 8.83
C LYS A 225 11.39 10.40 8.14
N GLU A 226 12.06 9.40 8.74
CA GLU A 226 13.32 8.88 8.22
C GLU A 226 13.14 8.33 6.80
N ILE A 227 12.05 7.61 6.58
CA ILE A 227 11.64 7.14 5.23
C ILE A 227 11.49 8.32 4.27
N TYR A 228 10.75 9.35 4.71
CA TYR A 228 10.53 10.55 3.91
C TYR A 228 11.85 11.26 3.59
N GLU A 229 12.74 11.35 4.58
CA GLU A 229 14.04 11.99 4.39
C GLU A 229 14.96 11.21 3.46
N ARG A 230 15.04 9.89 3.64
CA ARG A 230 15.86 9.01 2.79
C ARG A 230 15.42 9.02 1.33
N ILE A 231 14.13 9.28 1.11
CA ILE A 231 13.56 9.23 -0.24
C ILE A 231 13.61 10.59 -0.93
N THR A 232 13.21 11.65 -0.22
CA THR A 232 13.15 12.98 -0.83
C THR A 232 14.47 13.75 -0.76
N GLY A 233 15.31 13.40 0.22
CA GLY A 233 16.54 14.13 0.50
C GLY A 233 16.28 15.45 1.22
N GLU A 234 15.09 15.59 1.79
CA GLU A 234 14.67 16.81 2.50
C GLU A 234 13.96 16.49 3.84
N LYS A 235 14.05 17.42 4.78
CA LYS A 235 13.38 17.29 6.08
C LYS A 235 11.88 17.61 5.93
N PRO A 236 11.01 16.80 6.57
CA PRO A 236 9.55 16.94 6.49
C PRO A 236 9.03 18.28 7.03
N GLU A 237 8.49 19.11 6.14
CA GLU A 237 8.07 20.46 6.48
C GLU A 237 6.70 20.54 7.14
N PHE A 238 5.86 19.54 6.86
CA PHE A 238 4.46 19.50 7.34
C PHE A 238 3.70 20.75 6.95
PA TYD B . 0.91 -9.40 6.26
O1A TYD B . 2.26 -9.88 6.72
O2A TYD B . 0.14 -10.35 5.38
O3A TYD B . -0.08 -9.02 7.46
PB TYD B . 0.21 -8.22 8.84
O1B TYD B . 1.58 -8.66 9.32
O2B TYD B . 0.20 -6.76 8.42
O3B TYD B . -0.96 -8.60 9.68
O5' TYD B . 1.13 -8.01 5.52
C5' TYD B . 1.90 -7.95 4.34
C4' TYD B . 2.15 -6.51 3.89
O4' TYD B . 0.97 -6.00 3.28
C3' TYD B . 2.52 -5.54 5.02
O3' TYD B . 3.43 -4.58 4.49
C2' TYD B . 1.23 -4.83 5.36
C1' TYD B . 0.45 -4.90 4.06
N1 TYD B . -0.98 -5.12 4.26
C2 TYD B . -1.85 -4.02 4.55
O2 TYD B . -1.38 -2.86 4.63
N3 TYD B . -3.16 -4.21 4.73
C4 TYD B . -3.70 -5.45 4.61
O4 TYD B . -4.91 -5.62 4.76
C5 TYD B . -2.84 -6.62 4.29
C5M TYD B . -3.40 -8.02 4.15
C6 TYD B . -1.48 -6.38 4.13
PG ATP C . -11.80 -0.97 3.79
O1G ATP C . -12.88 -1.78 4.48
O2G ATP C . -12.33 0.17 2.96
O3G ATP C . -10.73 -1.80 3.12
PB ATP C . -11.07 1.31 5.36
O1B ATP C . -12.52 1.71 5.44
O2B ATP C . -10.17 1.46 6.55
O3B ATP C . -11.01 -0.27 4.99
PA ATP C . -9.53 3.42 4.21
O1A ATP C . -8.11 3.13 3.79
O2A ATP C . -9.74 4.11 5.54
O3A ATP C . -10.38 2.04 4.09
O5' ATP C . -10.23 4.36 3.10
C5' ATP C . -10.03 4.17 1.69
C4' ATP C . -11.21 3.44 1.04
O4' ATP C . -11.42 3.90 -0.31
C3' ATP C . -10.95 1.96 0.90
O3' ATP C . -12.22 1.32 0.95
C2' ATP C . -10.37 1.83 -0.50
O2' ATP C . -10.50 0.52 -1.04
C1' ATP C . -11.20 2.84 -1.27
N9 ATP C . -10.50 3.40 -2.45
C8 ATP C . -9.18 3.64 -2.58
N7 ATP C . -8.90 4.17 -3.79
C5 ATP C . -10.08 4.30 -4.46
C6 ATP C . -10.53 4.80 -5.80
N6 ATP C . -9.66 5.29 -6.70
N1 ATP C . -11.85 4.71 -6.08
C2 ATP C . -12.76 4.24 -5.21
N3 ATP C . -12.41 3.79 -3.99
C4 ATP C . -11.12 3.79 -3.57
P PO4 D . -2.67 -4.30 10.14
O1 PO4 D . -3.93 -3.45 10.09
O2 PO4 D . -2.75 -5.26 11.32
O3 PO4 D . -2.49 -5.06 8.84
O4 PO4 D . -1.49 -3.37 10.33
C ACT E . -5.90 -17.10 5.79
O ACT E . -6.14 -17.95 4.92
OXT ACT E . -6.11 -15.88 5.61
CH3 ACT E . -5.34 -17.55 7.12
#